data_3CEG
#
_entry.id   3CEG
#
_cell.length_a   78.199
_cell.length_b   97.815
_cell.length_c   129.888
_cell.angle_alpha   90.00
_cell.angle_beta   90.00
_cell.angle_gamma   90.00
#
_symmetry.space_group_name_H-M   'P 21 21 21'
#
loop_
_entity.id
_entity.type
_entity.pdbx_description
1 polymer 'Baculoviral IAP repeat-containing protein 6'
2 water water
#
_entity_poly.entity_id   1
_entity_poly.type   'polypeptide(L)'
_entity_poly.pdbx_seq_one_letter_code
;ANQEKKLGEYSKKAA(MSE)KPKPLSVLKSLEEKYVAV(MSE)KKLQFDTFE(MSE)VSEDEDGKLGFKVNYHY(MSE)S
QVKNANDANSAARARRLAQEAVTLSTSLPLSSSSSVFVRCDEERLDI(MSE)KVLITGPADTPYANGCFEFDVYFPQDYP
SSPPLVNLETTGGHSVRFNPNLYNDGKVCLSILNTWHGRPEEKWNPQTSSFLQVLVSVQSLILVAEPYFNEPGYERSRGT
PSGTQSSREYDGNIRQATVKWA(MSE)LEQIRNPSPCFKEVIHKHFYLKRVEI(MSE)AQCEEWIADIQQYSSDKRVGRT
(MSE)SHHAAALKRHTAQLREELLKLPCPEGLDPD
;
_entity_poly.pdbx_strand_id   A,B
#
# COMPACT_ATOMS: atom_id res chain seq x y z
N LEU A 24 10.52 35.01 30.93
CA LEU A 24 9.07 35.22 30.64
C LEU A 24 8.66 34.58 29.28
N LYS A 25 8.58 33.25 29.28
CA LYS A 25 8.18 32.47 28.11
C LYS A 25 6.65 32.26 28.10
N SER A 26 6.05 32.27 26.90
CA SER A 26 4.64 31.90 26.74
C SER A 26 4.44 30.41 27.04
N LEU A 27 3.18 29.98 27.11
CA LEU A 27 2.84 28.58 27.30
C LEU A 27 3.37 27.73 26.14
N GLU A 28 3.20 28.21 24.93
CA GLU A 28 3.70 27.56 23.73
C GLU A 28 5.23 27.39 23.76
N GLU A 29 5.95 28.45 24.13
CA GLU A 29 7.41 28.40 24.22
C GLU A 29 7.89 27.43 25.30
N LYS A 30 7.17 27.39 26.41
CA LYS A 30 7.45 26.48 27.50
C LYS A 30 7.19 25.02 27.07
N TYR A 31 6.09 24.81 26.33
CA TYR A 31 5.71 23.51 25.85
C TYR A 31 6.76 23.02 24.86
N VAL A 32 7.06 23.84 23.87
CA VAL A 32 8.10 23.52 22.87
C VAL A 32 9.45 23.17 23.53
N ALA A 33 9.91 24.02 24.43
CA ALA A 33 11.14 23.77 25.20
C ALA A 33 11.15 22.40 25.92
N VAL A 34 10.08 22.07 26.61
CA VAL A 34 9.96 20.79 27.31
C VAL A 34 9.91 19.61 26.34
N LYS A 36 10.84 19.32 23.16
CA LYS A 36 12.05 19.19 22.35
C LYS A 36 13.01 18.11 22.86
N LYS A 37 13.16 18.01 24.18
CA LYS A 37 14.06 17.05 24.83
C LYS A 37 13.59 15.59 24.72
N LEU A 38 12.33 15.38 24.35
CA LEU A 38 11.72 14.04 24.38
C LEU A 38 11.47 13.48 22.99
N GLN A 39 11.86 14.26 21.99
CA GLN A 39 11.53 13.97 20.61
C GLN A 39 12.25 12.76 20.00
N PHE A 40 13.52 12.59 20.32
CA PHE A 40 14.30 11.50 19.77
C PHE A 40 15.08 10.78 20.85
N ASP A 41 14.94 9.47 20.90
CA ASP A 41 15.75 8.67 21.79
C ASP A 41 15.71 7.21 21.36
N THR A 42 16.55 6.40 22.00
CA THR A 42 16.53 4.94 21.77
C THR A 42 15.71 4.32 22.88
N PHE A 43 15.39 3.03 22.75
CA PHE A 43 14.61 2.30 23.73
C PHE A 43 14.94 0.82 23.52
N GLU A 44 14.91 0.03 24.58
CA GLU A 44 15.19 -1.40 24.44
C GLU A 44 13.92 -2.11 24.03
N VAL A 46 13.87 -4.73 21.72
CA VAL A 46 14.18 -6.15 21.52
C VAL A 46 15.42 -6.54 22.28
N SER A 47 15.60 -7.84 22.46
CA SER A 47 16.79 -8.37 23.09
C SER A 47 17.22 -9.62 22.34
N GLU A 48 18.52 -9.78 22.16
CA GLU A 48 19.04 -10.98 21.52
C GLU A 48 19.29 -12.12 22.50
N ASP A 49 18.90 -13.33 22.07
CA ASP A 49 19.19 -14.60 22.74
C ASP A 49 20.66 -14.97 22.73
N GLU A 50 20.95 -16.08 23.40
CA GLU A 50 22.19 -16.86 23.17
C GLU A 50 22.23 -17.36 21.72
N ASP A 51 21.08 -17.86 21.24
CA ASP A 51 20.95 -18.38 19.88
C ASP A 51 20.70 -17.29 18.84
N GLY A 52 21.05 -16.05 19.19
CA GLY A 52 20.86 -14.91 18.30
C GLY A 52 19.42 -14.49 18.04
N LYS A 53 18.48 -15.20 18.67
CA LYS A 53 17.04 -14.99 18.48
C LYS A 53 16.52 -13.76 19.26
N LEU A 54 15.77 -12.91 18.55
CA LEU A 54 15.19 -11.70 19.13
C LEU A 54 13.94 -11.97 19.96
N GLY A 55 13.92 -11.43 21.18
CA GLY A 55 12.72 -11.42 22.01
C GLY A 55 12.29 -9.97 22.24
N PHE A 56 11.00 -9.70 22.09
CA PHE A 56 10.48 -8.34 22.17
C PHE A 56 10.12 -7.91 23.59
N LYS A 57 10.35 -6.63 23.90
CA LYS A 57 10.08 -6.06 25.22
C LYS A 57 8.83 -5.18 25.19
N VAL A 58 8.45 -4.72 24.01
CA VAL A 58 7.22 -3.93 23.82
C VAL A 58 6.36 -4.57 22.75
N ASN A 59 5.10 -4.16 22.70
CA ASN A 59 4.21 -4.50 21.62
C ASN A 59 4.64 -3.82 20.32
N TYR A 60 4.68 -4.58 19.24
CA TYR A 60 5.15 -4.08 17.95
C TYR A 60 4.47 -4.83 16.81
N HIS A 61 3.80 -4.07 15.97
CA HIS A 61 3.02 -4.65 14.86
C HIS A 61 3.81 -5.58 13.92
N TYR A 62 5.11 -5.33 13.74
CA TYR A 62 5.90 -6.07 12.74
C TYR A 62 6.86 -7.13 13.32
N SER A 64 6.60 -10.26 13.59
CA SER A 64 6.74 -11.43 12.71
C SER A 64 7.68 -11.14 11.56
N GLN A 65 7.60 -9.92 11.01
CA GLN A 65 8.50 -9.54 9.93
C GLN A 65 9.92 -9.50 10.44
N VAL A 66 10.13 -8.96 11.65
CA VAL A 66 11.45 -8.92 12.26
C VAL A 66 11.96 -10.36 12.53
N LYS A 67 11.12 -11.20 13.14
CA LYS A 67 11.53 -12.57 13.45
C LYS A 67 11.84 -13.42 12.22
N ASN A 68 11.06 -13.24 11.15
CA ASN A 68 11.25 -14.02 9.93
C ASN A 68 12.03 -13.33 8.82
N ALA A 69 12.74 -12.26 9.18
CA ALA A 69 13.46 -11.42 8.22
C ALA A 69 14.49 -12.16 7.35
N ASN A 70 15.01 -13.27 7.85
CA ASN A 70 16.13 -13.97 7.19
C ASN A 70 17.21 -12.94 6.82
N ASP A 71 17.61 -12.15 7.84
CA ASP A 71 18.37 -10.92 7.66
C ASP A 71 19.56 -11.10 6.72
N ALA A 72 19.57 -10.36 5.61
CA ALA A 72 20.68 -10.41 4.66
C ALA A 72 21.92 -9.63 5.16
N ASN A 73 21.74 -8.80 6.18
CA ASN A 73 22.82 -8.01 6.76
C ASN A 73 23.49 -7.09 5.74
N SER A 74 22.68 -6.42 4.93
CA SER A 74 23.19 -5.51 3.91
C SER A 74 23.82 -4.24 4.50
N ALA A 75 25.06 -4.00 4.10
CA ALA A 75 25.82 -2.83 4.55
C ALA A 75 25.29 -1.52 3.97
N ALA A 76 24.84 -1.53 2.73
CA ALA A 76 24.25 -0.34 2.11
C ALA A 76 22.95 0.04 2.81
N ARG A 77 22.16 -0.96 3.20
CA ARG A 77 20.93 -0.71 3.95
C ARG A 77 21.23 -0.13 5.33
N ALA A 78 22.26 -0.67 5.96
CA ALA A 78 22.67 -0.22 7.30
C ALA A 78 23.07 1.27 7.25
N ARG A 79 23.88 1.61 6.26
CA ARG A 79 24.33 3.00 6.08
C ARG A 79 23.13 3.93 5.88
N ARG A 80 22.19 3.53 5.02
CA ARG A 80 20.98 4.30 4.74
C ARG A 80 20.09 4.47 5.99
N LEU A 81 19.84 3.36 6.72
CA LEU A 81 19.08 3.43 7.99
C LEU A 81 19.73 4.37 9.02
N ALA A 82 21.06 4.36 9.11
CA ALA A 82 21.73 5.29 10.01
C ALA A 82 21.60 6.75 9.52
N GLN A 83 21.53 6.93 8.20
CA GLN A 83 21.23 8.26 7.64
C GLN A 83 19.82 8.68 8.05
N GLU A 84 18.85 7.75 7.95
CA GLU A 84 17.48 8.02 8.42
C GLU A 84 17.49 8.54 9.87
N ALA A 85 18.13 7.80 10.77
CA ALA A 85 18.16 8.14 12.18
C ALA A 85 18.75 9.53 12.47
N VAL A 86 19.77 9.91 11.71
CA VAL A 86 20.47 11.18 11.92
C VAL A 86 19.52 12.35 11.63
N THR A 87 18.83 12.28 10.50
CA THR A 87 17.79 13.22 10.11
C THR A 87 16.69 13.36 11.18
N LEU A 88 16.23 12.21 11.68
CA LEU A 88 15.16 12.17 12.67
C LEU A 88 15.62 12.72 14.02
N SER A 89 16.92 12.63 14.30
CA SER A 89 17.45 13.08 15.57
C SER A 89 17.49 14.62 15.66
N THR A 90 17.36 15.31 14.54
CA THR A 90 17.53 16.77 14.53
C THR A 90 16.38 17.54 13.88
N SER A 91 15.54 16.85 13.12
CA SER A 91 14.62 17.54 12.22
C SER A 91 13.12 17.25 12.41
N LEU A 92 12.75 16.58 13.51
CA LEU A 92 11.34 16.26 13.73
C LEU A 92 10.52 17.53 13.95
N PRO A 93 9.35 17.64 13.28
CA PRO A 93 8.45 18.78 13.51
C PRO A 93 8.10 18.93 14.98
N LEU A 94 8.08 20.18 15.43
CA LEU A 94 7.82 20.52 16.81
C LEU A 94 7.08 21.85 16.87
N SER A 95 5.92 21.83 17.53
CA SER A 95 5.11 23.02 17.74
C SER A 95 4.04 22.69 18.76
N SER A 96 3.39 23.72 19.29
CA SER A 96 2.26 23.50 20.18
C SER A 96 1.11 22.76 19.47
N SER A 97 0.87 23.12 18.23
CA SER A 97 -0.20 22.51 17.44
C SER A 97 0.05 21.03 17.16
N SER A 98 1.25 20.69 16.68
CA SER A 98 1.55 19.31 16.29
C SER A 98 3.04 19.07 16.32
N SER A 99 3.42 17.95 16.93
CA SER A 99 4.79 17.58 17.10
C SER A 99 4.98 16.09 16.81
N VAL A 100 6.19 15.71 16.42
CA VAL A 100 6.54 14.30 16.19
C VAL A 100 7.62 13.81 17.17
N PHE A 101 7.43 12.60 17.70
CA PHE A 101 8.31 12.01 18.69
C PHE A 101 8.71 10.64 18.15
N VAL A 102 9.98 10.27 18.23
CA VAL A 102 10.45 9.01 17.67
C VAL A 102 11.29 8.27 18.68
N ARG A 103 11.10 6.95 18.75
CA ARG A 103 11.97 6.04 19.50
C ARG A 103 12.52 4.96 18.58
N CYS A 104 13.82 4.71 18.67
CA CYS A 104 14.54 3.74 17.83
C CYS A 104 14.98 2.63 18.75
N ASP A 105 14.97 1.39 18.28
CA ASP A 105 15.58 0.36 19.12
C ASP A 105 17.07 0.66 19.30
N GLU A 106 17.63 0.19 20.41
CA GLU A 106 19.01 0.50 20.80
C GLU A 106 20.03 -0.13 19.89
N GLU A 107 19.66 -1.24 19.25
CA GLU A 107 20.59 -1.94 18.39
C GLU A 107 20.11 -2.09 16.96
N ARG A 108 18.85 -2.47 16.77
CA ARG A 108 18.27 -2.65 15.43
C ARG A 108 17.86 -1.32 14.79
N LEU A 109 18.43 -1.05 13.62
CA LEU A 109 18.18 0.19 12.86
C LEU A 109 16.85 0.24 12.10
N ASP A 110 16.18 -0.92 12.01
CA ASP A 110 14.99 -1.04 11.19
C ASP A 110 13.71 -1.07 12.00
N ILE A 111 13.82 -0.93 13.32
CA ILE A 111 12.66 -0.98 14.20
C ILE A 111 12.44 0.36 14.91
N LYS A 113 9.22 3.32 16.58
CA LYS A 113 7.89 3.63 17.09
C LYS A 113 7.79 5.16 17.03
N VAL A 114 6.65 5.68 16.61
CA VAL A 114 6.49 7.16 16.55
C VAL A 114 5.18 7.57 17.22
N LEU A 115 5.15 8.83 17.67
CA LEU A 115 3.96 9.42 18.23
C LEU A 115 3.78 10.79 17.58
N ILE A 116 2.60 11.04 17.03
CA ILE A 116 2.32 12.36 16.45
C ILE A 116 1.13 12.93 17.20
N THR A 117 1.22 14.17 17.62
CA THR A 117 0.09 14.81 18.28
C THR A 117 -0.76 15.43 17.18
N GLY A 118 -2.07 15.54 17.41
CA GLY A 118 -2.98 16.01 16.35
C GLY A 118 -2.94 17.53 16.23
N PRO A 119 -2.90 18.04 15.00
CA PRO A 119 -2.84 19.48 14.76
C PRO A 119 -4.10 20.19 15.21
N ALA A 120 -3.92 21.43 15.63
CA ALA A 120 -4.99 22.32 16.00
C ALA A 120 -5.90 22.52 14.81
N ASP A 121 -7.15 22.89 15.09
CA ASP A 121 -8.16 23.18 14.07
C ASP A 121 -8.43 21.94 13.20
N THR A 122 -8.29 20.76 13.79
CA THR A 122 -8.65 19.48 13.15
C THR A 122 -9.38 18.64 14.19
N PRO A 123 -10.18 17.64 13.76
CA PRO A 123 -10.80 16.76 14.78
C PRO A 123 -9.84 15.86 15.52
N TYR A 124 -8.53 16.03 15.29
CA TYR A 124 -7.54 15.21 16.00
C TYR A 124 -6.79 16.01 17.07
N ALA A 125 -7.02 17.33 17.08
CA ALA A 125 -6.26 18.28 17.89
C ALA A 125 -5.92 17.76 19.27
N ASN A 126 -4.62 17.82 19.60
CA ASN A 126 -4.07 17.45 20.92
C ASN A 126 -4.19 15.97 21.29
N GLY A 127 -4.65 15.16 20.37
CA GLY A 127 -4.63 13.69 20.61
C GLY A 127 -3.23 13.19 20.35
N CYS A 128 -2.87 12.07 20.98
CA CYS A 128 -1.60 11.43 20.73
C CYS A 128 -1.82 10.14 19.96
N PHE A 129 -1.20 10.07 18.79
CA PHE A 129 -1.41 8.98 17.86
C PHE A 129 -0.13 8.16 17.71
N GLU A 130 -0.22 6.88 18.04
CA GLU A 130 0.97 6.06 18.04
C GLU A 130 1.06 5.20 16.78
N PHE A 131 2.25 5.16 16.17
CA PHE A 131 2.50 4.34 14.97
C PHE A 131 3.69 3.40 15.16
N ASP A 132 3.59 2.20 14.59
CA ASP A 132 4.76 1.31 14.53
C ASP A 132 5.41 1.40 13.16
N VAL A 133 6.73 1.23 13.11
CA VAL A 133 7.50 1.39 11.87
C VAL A 133 8.51 0.25 11.69
N TYR A 134 8.53 -0.30 10.47
CA TYR A 134 9.49 -1.33 10.10
C TYR A 134 10.11 -1.01 8.76
N PHE A 135 11.43 -1.02 8.71
CA PHE A 135 12.12 -0.88 7.43
C PHE A 135 12.44 -2.28 6.93
N PRO A 136 11.84 -2.66 5.79
CA PRO A 136 11.91 -4.06 5.39
C PRO A 136 13.28 -4.38 4.82
N GLN A 137 13.55 -5.67 4.64
CA GLN A 137 14.84 -6.09 4.14
C GLN A 137 15.21 -5.53 2.78
N ASP A 138 14.20 -5.15 1.99
CA ASP A 138 14.47 -4.52 0.70
C ASP A 138 14.39 -2.98 0.71
N TYR A 139 14.48 -2.37 1.89
CA TYR A 139 14.60 -0.91 2.01
C TYR A 139 16.00 -0.54 1.58
N PRO A 140 16.19 0.62 0.88
CA PRO A 140 15.25 1.67 0.43
C PRO A 140 14.62 1.47 -0.96
N SER A 141 14.82 0.32 -1.58
CA SER A 141 14.16 0.03 -2.85
C SER A 141 12.67 0.10 -2.68
N SER A 142 12.20 -0.40 -1.53
CA SER A 142 10.80 -0.40 -1.14
C SER A 142 10.64 0.52 0.07
N PRO A 143 9.49 1.20 0.20
CA PRO A 143 9.21 2.06 1.35
C PRO A 143 9.16 1.37 2.73
N PRO A 144 9.25 2.18 3.81
CA PRO A 144 9.02 1.73 5.19
C PRO A 144 7.59 1.24 5.32
N LEU A 145 7.34 0.37 6.27
CA LEU A 145 5.98 -0.05 6.62
C LEU A 145 5.55 0.77 7.84
N VAL A 146 4.38 1.39 7.77
CA VAL A 146 3.86 2.15 8.89
C VAL A 146 2.46 1.70 9.29
N ASN A 147 2.28 1.48 10.57
CA ASN A 147 0.98 1.11 11.10
C ASN A 147 0.55 1.96 12.25
N LEU A 148 -0.69 2.46 12.18
CA LEU A 148 -1.25 3.25 13.27
C LEU A 148 -1.74 2.30 14.35
N GLU A 149 -1.18 2.43 15.56
CA GLU A 149 -1.54 1.56 16.69
C GLU A 149 -2.74 2.08 17.50
N THR A 150 -3.03 3.37 17.39
CA THR A 150 -4.12 3.97 18.12
C THR A 150 -5.41 3.83 17.33
N THR A 151 -6.05 2.66 17.41
CA THR A 151 -7.29 2.42 16.66
C THR A 151 -8.47 2.04 17.56
N GLY A 152 -8.27 2.08 18.87
CA GLY A 152 -9.27 1.63 19.82
C GLY A 152 -9.57 0.16 19.63
N GLY A 153 -8.50 -0.64 19.50
CA GLY A 153 -8.62 -2.05 19.15
C GLY A 153 -9.39 -2.26 17.85
N HIS A 154 -9.08 -1.47 16.82
CA HIS A 154 -9.69 -1.60 15.48
C HIS A 154 -11.14 -1.15 15.44
N SER A 155 -11.59 -0.54 16.54
CA SER A 155 -12.95 -0.07 16.59
C SER A 155 -13.14 1.27 15.89
N VAL A 156 -12.04 2.00 15.67
CA VAL A 156 -12.11 3.33 15.03
C VAL A 156 -11.47 3.37 13.64
N ARG A 157 -12.20 3.94 12.67
CA ARG A 157 -11.63 4.30 11.40
C ARG A 157 -11.32 5.81 11.53
N PHE A 158 -10.07 6.14 11.81
CA PHE A 158 -9.72 7.54 12.15
C PHE A 158 -9.71 8.53 10.97
N ASN A 159 -9.74 7.99 9.74
CA ASN A 159 -9.52 8.76 8.51
C ASN A 159 -9.79 7.86 7.32
N PRO A 160 -10.19 8.42 6.16
CA PRO A 160 -10.20 7.61 4.92
C PRO A 160 -8.86 6.92 4.69
N ASN A 161 -7.76 7.59 5.08
CA ASN A 161 -6.40 7.05 4.93
C ASN A 161 -5.81 6.26 6.13
N LEU A 162 -6.63 6.04 7.16
CA LEU A 162 -6.22 5.30 8.34
C LEU A 162 -7.25 4.20 8.62
N TYR A 163 -7.00 3.00 8.12
CA TYR A 163 -7.93 1.87 8.29
C TYR A 163 -8.12 1.43 9.73
N ASN A 164 -9.27 0.80 10.00
CA ASN A 164 -9.53 0.19 11.30
C ASN A 164 -8.35 -0.69 11.74
N ASP A 165 -7.70 -1.36 10.77
CA ASP A 165 -6.63 -2.31 11.10
C ASP A 165 -5.28 -1.64 11.27
N GLY A 166 -5.26 -0.33 10.98
CA GLY A 166 -4.08 0.47 11.21
C GLY A 166 -3.36 0.92 9.96
N LYS A 167 -3.86 0.53 8.79
CA LYS A 167 -3.18 0.84 7.53
C LYS A 167 -3.04 2.35 7.31
N VAL A 168 -1.82 2.76 7.02
CA VAL A 168 -1.55 4.18 6.75
C VAL A 168 -1.40 4.33 5.25
N CYS A 169 -2.34 5.04 4.65
CA CYS A 169 -2.41 5.15 3.21
C CYS A 169 -1.86 6.49 2.75
N LEU A 170 -0.65 6.45 2.18
CA LEU A 170 -0.02 7.63 1.59
C LEU A 170 0.62 7.18 0.29
N SER A 171 0.64 8.03 -0.71
CA SER A 171 1.28 7.68 -1.97
C SER A 171 2.78 7.53 -1.73
N ILE A 172 3.34 8.32 -0.82
CA ILE A 172 4.77 8.21 -0.50
C ILE A 172 5.13 6.82 0.07
N LEU A 173 4.15 6.16 0.68
CA LEU A 173 4.29 4.80 1.20
C LEU A 173 3.87 3.73 0.22
N ASN A 174 3.51 4.16 -1.01
CA ASN A 174 2.92 3.28 -2.02
C ASN A 174 1.68 2.54 -1.51
N THR A 175 0.90 3.21 -0.64
CA THR A 175 -0.37 2.64 -0.12
C THR A 175 -1.56 3.52 -0.51
N TRP A 176 -1.38 4.32 -1.55
CA TRP A 176 -2.40 5.25 -2.02
C TRP A 176 -2.01 5.71 -3.41
N HIS A 177 -3.00 6.01 -4.24
CA HIS A 177 -2.76 6.47 -5.63
C HIS A 177 -2.09 7.84 -5.66
N GLY A 178 -1.49 8.16 -6.79
CA GLY A 178 -0.81 9.43 -6.98
C GLY A 178 0.08 9.37 -8.18
N ARG A 179 0.63 10.52 -8.55
CA ARG A 179 1.56 10.65 -9.66
C ARG A 179 2.88 9.91 -9.35
N PRO A 180 3.74 9.66 -10.37
CA PRO A 180 5.00 8.96 -10.07
C PRO A 180 5.95 9.72 -9.14
N GLU A 181 5.94 11.06 -9.19
CA GLU A 181 6.83 11.82 -8.32
C GLU A 181 6.37 11.81 -6.88
N GLU A 182 5.11 11.42 -6.67
CA GLU A 182 4.52 11.34 -5.34
C GLU A 182 4.71 9.96 -4.68
N LYS A 183 5.31 9.03 -5.42
CA LYS A 183 5.53 7.66 -4.94
C LYS A 183 6.83 7.54 -4.13
N TRP A 184 7.03 6.39 -3.48
CA TRP A 184 8.32 6.15 -2.82
C TRP A 184 9.41 6.25 -3.87
N ASN A 185 10.42 7.05 -3.57
CA ASN A 185 11.59 7.17 -4.42
C ASN A 185 12.80 6.74 -3.62
N PRO A 186 13.41 5.59 -3.96
CA PRO A 186 14.55 5.08 -3.20
C PRO A 186 15.73 6.05 -3.10
N GLN A 187 15.89 6.96 -4.05
CA GLN A 187 17.01 7.89 -3.99
C GLN A 187 16.72 9.12 -3.14
N THR A 188 15.56 9.73 -3.33
CA THR A 188 15.26 11.01 -2.70
C THR A 188 14.26 10.99 -1.53
N SER A 189 13.47 9.93 -1.40
CA SER A 189 12.54 9.83 -0.25
C SER A 189 13.24 9.59 1.06
N SER A 190 12.57 9.90 2.16
CA SER A 190 13.11 9.73 3.51
C SER A 190 11.95 9.52 4.45
N PHE A 191 12.24 9.01 5.64
CA PHE A 191 11.21 8.81 6.63
C PHE A 191 10.70 10.13 7.21
N LEU A 192 11.57 11.14 7.36
CA LEU A 192 11.08 12.47 7.78
C LEU A 192 9.92 12.90 6.90
N GLN A 193 10.08 12.75 5.58
CA GLN A 193 9.05 13.12 4.60
C GLN A 193 7.75 12.37 4.79
N VAL A 194 7.83 11.08 5.15
CA VAL A 194 6.65 10.29 5.46
C VAL A 194 5.92 10.85 6.67
N LEU A 195 6.66 11.13 7.73
CA LEU A 195 6.09 11.72 8.96
C LEU A 195 5.36 13.03 8.67
N VAL A 196 6.00 13.89 7.90
CA VAL A 196 5.43 15.19 7.51
C VAL A 196 4.19 15.00 6.63
N SER A 197 4.23 14.00 5.74
CA SER A 197 3.04 13.61 4.96
C SER A 197 1.85 13.19 5.82
N VAL A 198 2.09 12.61 6.99
CA VAL A 198 0.96 12.28 7.89
C VAL A 198 0.30 13.54 8.45
N GLN A 199 1.13 14.47 8.93
CA GLN A 199 0.62 15.74 9.42
C GLN A 199 -0.15 16.46 8.31
N SER A 200 0.51 16.67 7.18
CA SER A 200 -0.01 17.39 6.01
C SER A 200 -1.20 16.78 5.30
N LEU A 201 -1.25 15.45 5.19
CA LEU A 201 -2.24 14.86 4.31
C LEU A 201 -3.30 14.03 4.99
N ILE A 202 -3.00 13.51 6.18
CA ILE A 202 -3.96 12.67 6.90
C ILE A 202 -4.63 13.37 8.10
N LEU A 203 -3.82 14.01 8.93
CA LEU A 203 -4.34 14.62 10.14
C LEU A 203 -4.77 16.05 9.80
N VAL A 204 -5.83 16.14 8.99
CA VAL A 204 -6.29 17.42 8.44
C VAL A 204 -7.67 17.83 8.97
N ALA A 205 -8.05 19.08 8.71
CA ALA A 205 -9.41 19.50 8.98
C ALA A 205 -10.28 18.89 7.88
N GLU A 206 -11.53 18.61 8.21
CA GLU A 206 -12.47 18.06 7.24
C GLU A 206 -11.94 16.78 6.58
N PRO A 207 -11.53 15.81 7.42
CA PRO A 207 -11.01 14.51 6.95
C PRO A 207 -11.97 13.71 6.06
N TYR A 208 -13.26 14.00 6.17
CA TYR A 208 -14.31 13.29 5.41
C TYR A 208 -14.00 13.25 3.90
N PHE A 209 -13.54 14.40 3.39
CA PHE A 209 -13.24 14.61 1.99
C PHE A 209 -11.93 13.98 1.49
N ASN A 210 -11.20 13.31 2.39
CA ASN A 210 -10.04 12.54 1.95
C ASN A 210 -10.44 11.31 1.12
N GLU A 211 -11.69 10.86 1.27
CA GLU A 211 -12.22 9.75 0.48
C GLU A 211 -12.34 10.19 -0.98
N PRO A 212 -11.70 9.47 -1.92
CA PRO A 212 -11.70 9.92 -3.31
C PRO A 212 -13.11 10.03 -3.89
N GLY A 213 -13.38 11.14 -4.57
CA GLY A 213 -14.69 11.38 -5.18
C GLY A 213 -15.63 12.22 -4.32
N TYR A 214 -15.43 12.16 -3.01
CA TYR A 214 -16.23 12.92 -2.05
C TYR A 214 -15.97 14.42 -2.14
N GLU A 215 -14.82 14.79 -2.68
CA GLU A 215 -14.45 16.20 -2.85
C GLU A 215 -15.50 17.01 -3.63
N ARG A 216 -16.24 16.33 -4.53
CA ARG A 216 -17.34 16.96 -5.28
C ARG A 216 -18.43 17.54 -4.38
N SER A 217 -18.66 16.89 -3.23
CA SER A 217 -19.64 17.33 -2.23
C SER A 217 -19.24 18.61 -1.52
N ARG A 218 -17.94 18.92 -1.50
CA ARG A 218 -17.46 20.07 -0.74
C ARG A 218 -18.17 21.35 -1.19
N GLY A 219 -18.74 22.05 -0.22
CA GLY A 219 -19.41 23.32 -0.48
C GLY A 219 -20.89 23.17 -0.75
N THR A 220 -21.40 21.93 -0.69
CA THR A 220 -22.83 21.69 -0.80
C THR A 220 -23.37 21.38 0.59
N PRO A 221 -24.63 21.75 0.87
CA PRO A 221 -25.22 21.44 2.18
C PRO A 221 -25.17 19.96 2.54
N SER A 222 -25.36 19.10 1.55
CA SER A 222 -25.24 17.67 1.75
C SER A 222 -23.79 17.35 2.21
N GLY A 223 -22.82 17.91 1.50
CA GLY A 223 -21.39 17.76 1.82
C GLY A 223 -21.04 18.25 3.21
N THR A 224 -21.42 19.49 3.49
CA THR A 224 -21.18 20.12 4.78
C THR A 224 -21.72 19.29 5.95
N GLN A 225 -22.93 18.79 5.79
CA GLN A 225 -23.62 17.97 6.77
C GLN A 225 -22.88 16.65 7.00
N SER A 226 -22.40 16.03 5.92
CA SER A 226 -21.71 14.73 6.01
C SER A 226 -20.34 14.86 6.70
N SER A 227 -19.62 15.94 6.34
CA SER A 227 -18.36 16.28 6.97
C SER A 227 -18.53 16.50 8.49
N ARG A 228 -19.59 17.20 8.89
CA ARG A 228 -19.88 17.46 10.31
C ARG A 228 -20.12 16.19 11.11
N GLU A 229 -20.92 15.29 10.55
CA GLU A 229 -21.18 14.02 11.21
C GLU A 229 -19.87 13.26 11.30
N TYR A 230 -19.07 13.32 10.23
CA TYR A 230 -17.77 12.65 10.21
C TYR A 230 -16.87 13.18 11.31
N ASP A 231 -16.72 14.52 11.36
CA ASP A 231 -15.98 15.22 12.42
C ASP A 231 -16.44 14.85 13.82
N GLY A 232 -17.75 14.77 14.03
CA GLY A 232 -18.31 14.41 15.34
C GLY A 232 -17.86 13.04 15.81
N ASN A 233 -17.77 12.08 14.90
CA ASN A 233 -17.30 10.75 15.28
C ASN A 233 -15.81 10.77 15.59
N ILE A 234 -15.04 11.47 14.75
CA ILE A 234 -13.57 11.55 14.92
C ILE A 234 -13.23 12.29 16.24
N ARG A 235 -13.88 13.43 16.49
CA ARG A 235 -13.75 14.12 17.77
C ARG A 235 -13.93 13.19 18.97
N GLN A 236 -15.05 12.51 19.07
CA GLN A 236 -15.24 11.67 20.25
C GLN A 236 -14.17 10.60 20.36
N ALA A 237 -13.69 10.10 19.23
CA ALA A 237 -12.73 8.96 19.23
C ALA A 237 -11.34 9.44 19.67
N THR A 238 -10.99 10.67 19.25
CA THR A 238 -9.76 11.32 19.67
C THR A 238 -9.71 11.46 21.19
N VAL A 239 -10.77 12.02 21.77
CA VAL A 239 -10.83 12.21 23.21
C VAL A 239 -10.73 10.86 23.95
N LYS A 240 -11.49 9.88 23.49
CA LYS A 240 -11.46 8.57 24.13
C LYS A 240 -10.10 7.88 24.01
N TRP A 241 -9.65 7.65 22.78
CA TRP A 241 -8.50 6.78 22.49
C TRP A 241 -7.16 7.48 22.38
N ALA A 242 -7.17 8.67 21.78
CA ALA A 242 -5.94 9.44 21.61
C ALA A 242 -5.63 10.34 22.81
N LEU A 244 -7.80 10.01 26.54
CA LEU A 244 -8.16 9.32 27.78
C LEU A 244 -7.43 7.99 27.96
N GLU A 245 -7.44 7.15 26.94
CA GLU A 245 -6.77 5.84 27.05
C GLU A 245 -5.25 5.91 26.91
N GLN A 246 -4.75 7.00 26.32
CA GLN A 246 -3.29 7.23 26.26
C GLN A 246 -2.72 7.55 27.64
N ILE A 247 -3.47 8.34 28.41
CA ILE A 247 -3.11 8.63 29.80
C ILE A 247 -3.29 7.38 30.68
N ARG A 248 -4.43 6.74 30.56
CA ARG A 248 -4.70 5.54 31.36
C ARG A 248 -3.67 4.47 31.10
N ASN A 249 -3.33 4.28 29.82
CA ASN A 249 -2.51 3.16 29.42
C ASN A 249 -1.47 3.50 28.34
N PRO A 250 -0.44 4.30 28.71
CA PRO A 250 0.53 4.75 27.71
C PRO A 250 1.47 3.62 27.27
N SER A 251 1.95 3.69 26.04
CA SER A 251 3.11 2.92 25.62
C SER A 251 4.29 3.28 26.52
N PRO A 252 5.06 2.27 26.96
CA PRO A 252 6.25 2.52 27.76
C PRO A 252 7.27 3.38 27.03
N CYS A 253 7.24 3.35 25.70
CA CYS A 253 8.10 4.20 24.87
C CYS A 253 7.77 5.68 25.04
N PHE A 254 6.50 5.99 25.30
CA PHE A 254 6.03 7.36 25.22
C PHE A 254 5.36 7.84 26.50
N LYS A 255 5.44 7.03 27.55
CA LYS A 255 4.87 7.39 28.86
C LYS A 255 5.20 8.84 29.29
N GLU A 256 6.48 9.22 29.23
CA GLU A 256 6.90 10.57 29.62
C GLU A 256 6.33 11.63 28.71
N VAL A 257 6.33 11.38 27.40
CA VAL A 257 5.84 12.34 26.41
C VAL A 257 4.36 12.63 26.67
N ILE A 258 3.59 11.55 26.86
N ILE A 258 3.58 11.56 26.86
CA ILE A 258 2.16 11.56 27.12
CA ILE A 258 2.14 11.64 27.07
C ILE A 258 1.85 12.37 28.37
C ILE A 258 1.79 12.33 28.39
N HIS A 259 2.52 11.99 29.45
CA HIS A 259 2.33 12.60 30.75
C HIS A 259 2.51 14.13 30.64
N LYS A 260 3.64 14.54 30.10
CA LYS A 260 4.02 15.94 30.00
C LYS A 260 3.12 16.68 29.03
N HIS A 261 2.77 16.01 27.92
CA HIS A 261 1.91 16.61 26.92
C HIS A 261 0.54 16.92 27.52
N PHE A 262 -0.08 15.92 28.15
CA PHE A 262 -1.39 16.15 28.73
C PHE A 262 -1.39 17.09 29.94
N TYR A 263 -0.32 17.05 30.75
CA TYR A 263 -0.19 17.96 31.86
C TYR A 263 -0.07 19.41 31.37
N LEU A 264 0.86 19.67 30.47
CA LEU A 264 1.10 21.02 30.01
C LEU A 264 -0.15 21.60 29.34
N LYS A 265 -0.89 20.77 28.62
CA LYS A 265 -2.01 21.29 27.85
C LYS A 265 -3.39 21.09 28.48
N ARG A 266 -3.43 20.64 29.75
CA ARG A 266 -4.70 20.21 30.40
C ARG A 266 -5.81 21.27 30.36
N VAL A 267 -5.46 22.52 30.66
CA VAL A 267 -6.42 23.61 30.60
C VAL A 267 -6.93 23.76 29.18
N GLU A 268 -6.02 23.92 28.22
CA GLU A 268 -6.34 24.01 26.79
C GLU A 268 -7.26 22.86 26.30
N ILE A 269 -6.97 21.62 26.73
CA ILE A 269 -7.75 20.47 26.27
C ILE A 269 -9.16 20.49 26.85
N ALA A 271 -10.87 23.26 27.62
CA ALA A 271 -11.55 24.29 26.81
C ALA A 271 -11.91 23.74 25.41
N GLN A 272 -10.98 23.03 24.78
CA GLN A 272 -11.23 22.43 23.47
C GLN A 272 -12.39 21.46 23.50
N CYS A 273 -12.40 20.53 24.45
CA CYS A 273 -13.50 19.59 24.61
C CYS A 273 -14.84 20.29 24.79
N GLU A 274 -14.87 21.38 25.58
CA GLU A 274 -16.10 22.15 25.76
C GLU A 274 -16.57 22.82 24.47
N GLU A 275 -15.61 23.35 23.73
CA GLU A 275 -15.84 24.02 22.46
C GLU A 275 -16.41 23.01 21.45
N TRP A 276 -15.78 21.85 21.37
CA TRP A 276 -16.30 20.75 20.53
C TRP A 276 -17.72 20.36 20.92
N ILE A 277 -18.00 20.24 22.22
CA ILE A 277 -19.35 19.92 22.69
C ILE A 277 -20.35 21.04 22.32
N ALA A 278 -20.02 22.29 22.64
CA ALA A 278 -20.83 23.45 22.22
C ALA A 278 -21.16 23.39 20.71
N ASP A 279 -20.15 23.15 19.89
CA ASP A 279 -20.28 23.10 18.43
C ASP A 279 -21.18 21.98 17.91
N ILE A 280 -21.04 20.77 18.46
CA ILE A 280 -21.84 19.62 18.00
C ILE A 280 -23.32 19.77 18.35
N GLN A 281 -23.60 20.40 19.49
CA GLN A 281 -24.97 20.56 20.00
C GLN A 281 -25.79 21.59 19.23
N GLN A 282 -25.12 22.33 18.34
CA GLN A 282 -25.80 23.20 17.41
C GLN A 282 -26.63 22.41 16.39
N TYR A 283 -26.55 21.08 16.44
CA TYR A 283 -27.17 20.21 15.44
C TYR A 283 -27.83 18.96 16.04
N GLY A 290 -30.94 15.33 12.75
CA GLY A 290 -29.65 15.24 13.45
C GLY A 290 -29.64 14.35 14.69
N ARG A 291 -30.02 13.08 14.52
CA ARG A 291 -30.00 12.10 15.62
C ARG A 291 -28.58 11.64 15.93
N THR A 292 -27.74 11.54 14.90
CA THR A 292 -26.36 11.04 15.08
C THR A 292 -25.44 12.07 15.74
N SER A 294 -26.39 14.00 18.03
CA SER A 294 -26.73 13.76 19.44
C SER A 294 -26.01 12.55 20.03
N HIS A 295 -25.85 11.50 19.22
CA HIS A 295 -25.07 10.33 19.62
C HIS A 295 -23.59 10.68 19.86
N HIS A 296 -23.01 11.46 18.95
CA HIS A 296 -21.63 11.93 19.08
C HIS A 296 -21.47 12.85 20.27
N ALA A 297 -22.27 13.91 20.33
CA ALA A 297 -22.26 14.85 21.48
C ALA A 297 -22.31 14.11 22.82
N ALA A 298 -23.08 13.04 22.89
CA ALA A 298 -23.24 12.28 24.12
C ALA A 298 -22.01 11.41 24.47
N ALA A 299 -21.41 10.77 23.47
CA ALA A 299 -20.15 10.07 23.70
C ALA A 299 -19.06 11.05 24.14
N LEU A 300 -18.95 12.17 23.42
CA LEU A 300 -17.96 13.17 23.75
C LEU A 300 -18.09 13.59 25.22
N LYS A 301 -19.31 13.95 25.65
CA LYS A 301 -19.54 14.37 27.04
C LYS A 301 -19.07 13.33 28.07
N ARG A 302 -19.36 12.05 27.84
CA ARG A 302 -18.90 11.00 28.76
C ARG A 302 -17.37 10.97 28.77
N HIS A 303 -16.77 11.00 27.59
CA HIS A 303 -15.33 10.89 27.50
C HIS A 303 -14.69 12.11 28.15
N THR A 304 -15.27 13.29 27.94
CA THR A 304 -14.71 14.52 28.50
C THR A 304 -14.65 14.53 30.02
N ALA A 305 -15.69 13.98 30.65
CA ALA A 305 -15.80 13.97 32.11
C ALA A 305 -14.82 12.99 32.74
N GLN A 306 -14.54 11.89 32.03
CA GLN A 306 -13.54 10.96 32.52
C GLN A 306 -12.14 11.55 32.35
N LEU A 307 -11.94 12.23 31.22
CA LEU A 307 -10.68 12.88 30.93
C LEU A 307 -10.36 13.98 31.97
N ARG A 308 -11.38 14.73 32.37
CA ARG A 308 -11.21 15.77 33.38
C ARG A 308 -10.67 15.18 34.68
N GLU A 309 -11.21 14.03 35.07
CA GLU A 309 -10.74 13.27 36.24
C GLU A 309 -9.29 12.77 36.09
N GLU A 310 -8.89 12.30 34.91
CA GLU A 310 -7.47 11.98 34.68
C GLU A 310 -6.58 13.22 34.70
N LEU A 311 -7.05 14.30 34.08
CA LEU A 311 -6.22 15.50 33.99
C LEU A 311 -5.95 16.02 35.39
N LEU A 312 -6.98 16.17 36.22
CA LEU A 312 -6.80 16.61 37.62
C LEU A 312 -5.89 15.69 38.45
N LYS A 313 -6.12 14.38 38.36
CA LYS A 313 -5.36 13.36 39.09
C LYS A 313 -3.87 13.32 38.71
N LEU A 314 -3.55 13.82 37.53
CA LEU A 314 -2.19 13.73 37.00
C LEU A 314 -1.14 14.43 37.86
N PRO A 315 -0.17 13.65 38.36
CA PRO A 315 0.92 14.18 39.16
C PRO A 315 1.76 15.11 38.32
N CYS A 316 2.34 16.10 38.97
CA CYS A 316 3.20 17.06 38.35
C CYS A 316 4.50 16.40 37.83
N PRO A 317 4.81 16.57 36.52
CA PRO A 317 6.04 15.97 35.97
C PRO A 317 7.30 16.70 36.47
N GLU A 318 8.41 15.97 36.55
CA GLU A 318 9.63 16.49 37.18
C GLU A 318 10.51 17.37 36.27
N GLY A 319 10.55 17.07 34.98
CA GLY A 319 11.46 17.80 34.09
C GLY A 319 10.98 19.13 33.55
N LEU A 320 10.25 19.89 34.38
CA LEU A 320 9.65 21.15 33.92
C LEU A 320 10.61 22.33 34.05
N ASP A 321 11.29 22.41 35.19
CA ASP A 321 12.43 23.33 35.42
C ASP A 321 13.06 23.12 36.80
N SER B 26 -15.50 -30.27 -8.97
CA SER B 26 -14.04 -30.15 -8.67
C SER B 26 -13.70 -28.72 -8.24
N LEU B 27 -12.55 -28.57 -7.59
CA LEU B 27 -12.09 -27.26 -7.14
C LEU B 27 -11.92 -26.29 -8.30
N GLU B 28 -11.48 -26.80 -9.44
CA GLU B 28 -11.31 -26.00 -10.64
C GLU B 28 -12.61 -25.36 -11.10
N GLU B 29 -13.66 -26.18 -11.31
CA GLU B 29 -14.91 -25.63 -11.81
C GLU B 29 -15.54 -24.69 -10.80
N LYS B 30 -15.35 -24.97 -9.53
CA LYS B 30 -15.75 -24.05 -8.46
C LYS B 30 -15.03 -22.70 -8.55
N TYR B 31 -13.72 -22.74 -8.76
CA TYR B 31 -12.93 -21.53 -8.93
C TYR B 31 -13.41 -20.75 -10.15
N VAL B 32 -13.57 -21.46 -11.26
CA VAL B 32 -13.91 -20.85 -12.55
C VAL B 32 -15.27 -20.14 -12.47
N ALA B 33 -16.22 -20.80 -11.81
CA ALA B 33 -17.56 -20.29 -11.64
C ALA B 33 -17.58 -18.96 -10.91
N VAL B 34 -16.82 -18.88 -9.81
CA VAL B 34 -16.76 -17.70 -8.95
C VAL B 34 -16.08 -16.58 -9.73
N LYS B 36 -15.47 -16.17 -13.03
CA LYS B 36 -16.13 -15.73 -14.26
C LYS B 36 -16.93 -14.43 -14.08
N LYS B 37 -17.55 -14.27 -12.92
CA LYS B 37 -18.45 -13.14 -12.66
C LYS B 37 -17.67 -11.85 -12.37
N LEU B 38 -16.35 -11.94 -12.29
CA LEU B 38 -15.49 -10.80 -11.91
C LEU B 38 -14.57 -10.32 -13.04
N GLN B 39 -14.73 -10.94 -14.21
CA GLN B 39 -13.83 -10.73 -15.34
C GLN B 39 -13.95 -9.37 -16.02
N PHE B 40 -15.16 -8.83 -16.09
CA PHE B 40 -15.33 -7.56 -16.76
C PHE B 40 -16.21 -6.67 -15.92
N ASP B 41 -15.82 -5.42 -15.79
CA ASP B 41 -16.65 -4.45 -15.10
C ASP B 41 -16.04 -3.09 -15.35
N THR B 42 -16.73 -2.05 -14.93
CA THR B 42 -16.20 -0.69 -15.03
C THR B 42 -15.84 -0.22 -13.64
N PHE B 43 -15.09 0.88 -13.56
CA PHE B 43 -14.69 1.46 -12.30
C PHE B 43 -14.45 2.94 -12.55
N GLU B 44 -14.77 3.79 -11.57
CA GLU B 44 -14.49 5.22 -11.67
C GLU B 44 -13.01 5.48 -11.42
N VAL B 46 -11.14 7.96 -13.27
CA VAL B 46 -10.88 9.38 -13.48
C VAL B 46 -12.22 10.05 -13.47
N SER B 47 -12.27 11.27 -12.95
CA SER B 47 -13.47 12.07 -13.05
C SER B 47 -13.10 13.54 -13.18
N GLU B 48 -13.95 14.30 -13.88
CA GLU B 48 -13.75 15.73 -14.08
C GLU B 48 -14.30 16.53 -12.90
N ASP B 49 -13.64 17.65 -12.59
CA ASP B 49 -14.16 18.65 -11.66
C ASP B 49 -15.24 19.49 -12.38
N GLU B 50 -15.93 20.34 -11.61
CA GLU B 50 -16.86 21.35 -12.16
C GLU B 50 -16.11 22.45 -12.93
N ASP B 51 -14.79 22.51 -12.72
CA ASP B 51 -13.89 23.39 -13.47
C ASP B 51 -13.20 22.62 -14.60
N GLY B 52 -13.55 21.34 -14.73
CA GLY B 52 -13.14 20.52 -15.88
C GLY B 52 -11.76 19.86 -15.81
N LYS B 53 -11.17 19.85 -14.62
CA LYS B 53 -9.85 19.23 -14.43
C LYS B 53 -10.01 17.72 -14.21
N LEU B 54 -9.12 16.93 -14.81
CA LEU B 54 -9.16 15.48 -14.65
C LEU B 54 -8.37 15.00 -13.43
N GLY B 55 -9.08 14.35 -12.51
CA GLY B 55 -8.46 13.78 -11.33
C GLY B 55 -8.55 12.28 -11.35
N PHE B 56 -7.40 11.62 -11.21
CA PHE B 56 -7.36 10.17 -11.13
C PHE B 56 -7.57 9.73 -9.71
N LYS B 57 -8.37 8.70 -9.57
CA LYS B 57 -8.67 8.13 -8.27
C LYS B 57 -7.97 6.81 -8.14
N VAL B 58 -7.12 6.48 -9.11
CA VAL B 58 -6.27 5.29 -9.03
C VAL B 58 -4.91 5.57 -9.64
N ASN B 59 -3.99 4.64 -9.43
CA ASN B 59 -2.73 4.65 -10.15
C ASN B 59 -2.95 4.25 -11.60
N TYR B 60 -2.21 4.91 -12.48
CA TYR B 60 -2.37 4.80 -13.92
C TYR B 60 -1.18 5.44 -14.59
N HIS B 61 -0.43 4.57 -15.26
CA HIS B 61 0.79 4.90 -15.97
C HIS B 61 0.64 6.04 -16.97
N TYR B 62 -0.48 6.06 -17.69
CA TYR B 62 -0.65 6.95 -18.84
C TYR B 62 -1.46 8.21 -18.55
N SER B 64 -0.58 11.28 -18.13
CA SER B 64 -0.14 12.42 -18.93
C SER B 64 -0.71 12.43 -20.36
N GLN B 65 -0.83 11.24 -20.96
CA GLN B 65 -1.40 11.08 -22.30
C GLN B 65 -2.89 11.38 -22.30
N VAL B 66 -3.58 11.02 -21.23
CA VAL B 66 -5.01 11.21 -21.10
C VAL B 66 -5.31 12.70 -20.95
N LYS B 67 -4.63 13.34 -20.00
CA LYS B 67 -4.77 14.78 -19.71
C LYS B 67 -4.43 15.69 -20.92
N ASN B 68 -3.25 15.48 -21.50
CA ASN B 68 -2.82 16.19 -22.70
C ASN B 68 -3.32 15.46 -23.95
N ALA B 69 -4.64 15.40 -24.12
CA ALA B 69 -5.27 14.61 -25.17
C ALA B 69 -5.15 15.26 -26.55
N ASP B 71 -7.76 14.59 -28.17
CA ASP B 71 -7.99 15.88 -28.81
C ASP B 71 -9.14 15.80 -29.82
N ALA B 72 -9.00 14.90 -30.80
CA ALA B 72 -9.99 14.72 -31.86
C ALA B 72 -11.26 14.03 -31.36
N ASN B 73 -11.07 12.85 -30.75
CA ASN B 73 -12.16 12.00 -30.22
C ASN B 73 -13.20 11.61 -31.27
N SER B 74 -12.70 11.00 -32.35
CA SER B 74 -13.52 10.59 -33.49
C SER B 74 -14.59 9.55 -33.12
N ALA B 75 -15.70 9.59 -33.86
CA ALA B 75 -16.80 8.64 -33.69
C ALA B 75 -16.42 7.25 -34.19
N ALA B 76 -15.45 7.20 -35.10
CA ALA B 76 -14.94 5.93 -35.62
C ALA B 76 -14.12 5.19 -34.55
N ARG B 77 -13.28 5.94 -33.84
CA ARG B 77 -12.45 5.40 -32.77
C ARG B 77 -13.32 4.96 -31.60
N ALA B 78 -14.23 5.86 -31.20
CA ALA B 78 -15.18 5.59 -30.12
C ALA B 78 -15.97 4.31 -30.39
N ARG B 79 -16.34 4.13 -31.66
CA ARG B 79 -17.10 2.96 -32.09
C ARG B 79 -16.26 1.70 -31.97
N ARG B 80 -15.01 1.77 -32.43
CA ARG B 80 -14.05 0.66 -32.31
C ARG B 80 -13.76 0.27 -30.85
N LEU B 81 -13.46 1.28 -30.03
CA LEU B 81 -13.20 1.12 -28.59
C LEU B 81 -14.37 0.43 -27.93
N ALA B 82 -15.58 0.95 -28.18
CA ALA B 82 -16.80 0.32 -27.69
C ALA B 82 -16.97 -1.16 -28.13
N GLN B 83 -16.59 -1.49 -29.36
CA GLN B 83 -16.72 -2.86 -29.87
C GLN B 83 -15.76 -3.80 -29.20
N GLU B 84 -14.57 -3.27 -28.89
CA GLU B 84 -13.51 -4.00 -28.24
C GLU B 84 -13.88 -4.29 -26.81
N ALA B 85 -14.40 -3.27 -26.12
CA ALA B 85 -14.97 -3.45 -24.77
C ALA B 85 -16.03 -4.56 -24.70
N VAL B 86 -16.93 -4.61 -25.69
CA VAL B 86 -17.95 -5.67 -25.75
C VAL B 86 -17.33 -7.06 -25.89
N THR B 87 -16.33 -7.19 -26.75
CA THR B 87 -15.57 -8.45 -26.90
C THR B 87 -14.91 -8.91 -25.58
N LEU B 88 -14.27 -7.96 -24.91
CA LEU B 88 -13.67 -8.21 -23.60
C LEU B 88 -14.71 -8.55 -22.53
N SER B 89 -15.94 -8.08 -22.68
CA SER B 89 -16.95 -8.43 -21.69
C SER B 89 -17.38 -9.91 -21.75
N THR B 90 -16.99 -10.63 -22.81
CA THR B 90 -17.48 -11.99 -23.00
C THR B 90 -16.39 -13.03 -23.26
N SER B 91 -15.23 -12.57 -23.70
CA SER B 91 -14.24 -13.47 -24.30
C SER B 91 -12.89 -13.59 -23.60
N LEU B 92 -12.81 -13.18 -22.34
CA LEU B 92 -11.53 -13.18 -21.62
C LEU B 92 -11.17 -14.61 -21.19
N PRO B 93 -9.89 -15.04 -21.38
CA PRO B 93 -9.44 -16.36 -20.94
C PRO B 93 -9.69 -16.62 -19.46
N LEU B 94 -10.09 -17.86 -19.14
CA LEU B 94 -10.50 -18.21 -17.79
C LEU B 94 -10.23 -19.67 -17.54
N SER B 95 -9.39 -19.95 -16.54
CA SER B 95 -9.09 -21.32 -16.12
C SER B 95 -8.48 -21.22 -14.75
N SER B 96 -8.34 -22.36 -14.09
CA SER B 96 -7.69 -22.41 -12.78
C SER B 96 -6.23 -21.99 -12.92
N SER B 97 -5.61 -22.38 -14.04
CA SER B 97 -4.23 -22.06 -14.33
C SER B 97 -3.99 -20.55 -14.55
N SER B 98 -4.71 -19.96 -15.50
CA SER B 98 -4.52 -18.55 -15.85
C SER B 98 -5.83 -18.01 -16.38
N SER B 99 -6.20 -16.85 -15.86
CA SER B 99 -7.39 -16.14 -16.28
C SER B 99 -7.04 -14.66 -16.41
N VAL B 100 -7.92 -13.91 -17.05
CA VAL B 100 -7.71 -12.49 -17.30
C VAL B 100 -8.91 -11.69 -16.82
N PHE B 101 -8.65 -10.59 -16.14
CA PHE B 101 -9.71 -9.70 -15.63
C PHE B 101 -9.47 -8.32 -16.17
N VAL B 102 -10.56 -7.64 -16.51
CA VAL B 102 -10.48 -6.33 -17.14
C VAL B 102 -11.42 -5.36 -16.46
N ARG B 103 -10.92 -4.13 -16.27
CA ARG B 103 -11.70 -3.03 -15.72
C ARG B 103 -11.58 -1.85 -16.68
N CYS B 104 -12.72 -1.27 -17.06
CA CYS B 104 -12.74 -0.10 -17.94
C CYS B 104 -13.14 1.11 -17.12
N ASP B 105 -12.57 2.28 -17.42
CA ASP B 105 -13.02 3.50 -16.76
C ASP B 105 -14.47 3.67 -17.19
N GLU B 106 -15.28 4.19 -16.27
N GLU B 106 -15.34 4.11 -16.29
CA GLU B 106 -16.72 4.32 -16.42
CA GLU B 106 -16.76 4.20 -16.65
C GLU B 106 -17.15 5.31 -17.51
C GLU B 106 -17.02 5.23 -17.75
N GLU B 107 -16.42 6.42 -17.61
CA GLU B 107 -16.78 7.52 -18.49
C GLU B 107 -15.88 7.68 -19.70
N ARG B 108 -14.86 6.81 -19.80
CA ARG B 108 -13.92 6.90 -20.89
C ARG B 108 -13.65 5.56 -21.54
N LEU B 109 -13.54 5.57 -22.86
CA LEU B 109 -13.40 4.37 -23.67
C LEU B 109 -11.95 3.90 -23.88
N ASP B 110 -10.99 4.73 -23.51
CA ASP B 110 -9.61 4.53 -23.92
C ASP B 110 -8.68 4.21 -22.76
N ILE B 111 -9.26 4.10 -21.56
CA ILE B 111 -8.54 3.78 -20.31
C ILE B 111 -8.97 2.42 -19.76
N LYS B 113 -7.49 -1.13 -17.07
CA LYS B 113 -6.51 -1.88 -16.30
C LYS B 113 -6.84 -3.36 -16.47
N VAL B 114 -5.83 -4.21 -16.36
CA VAL B 114 -6.03 -5.64 -16.51
C VAL B 114 -5.22 -6.39 -15.46
N LEU B 115 -5.74 -7.53 -15.01
CA LEU B 115 -5.02 -8.41 -14.11
C LEU B 115 -4.94 -9.77 -14.77
N ILE B 116 -3.73 -10.33 -14.85
CA ILE B 116 -3.55 -11.67 -15.39
C ILE B 116 -2.93 -12.53 -14.30
N THR B 117 -3.52 -13.69 -14.06
CA THR B 117 -2.93 -14.60 -13.10
C THR B 117 -1.88 -15.44 -13.80
N GLY B 118 -0.82 -15.81 -13.08
CA GLY B 118 0.30 -16.53 -13.68
C GLY B 118 -0.07 -18.00 -13.90
N PRO B 119 0.23 -18.52 -15.10
CA PRO B 119 -0.04 -19.92 -15.48
C PRO B 119 0.67 -20.93 -14.61
N ALA B 120 0.01 -22.08 -14.42
CA ALA B 120 0.59 -23.19 -13.69
C ALA B 120 1.91 -23.65 -14.34
N ASP B 121 2.83 -24.16 -13.51
CA ASP B 121 4.13 -24.64 -13.97
C ASP B 121 4.95 -23.53 -14.63
N THR B 122 4.83 -22.30 -14.12
CA THR B 122 5.74 -21.23 -14.50
C THR B 122 6.17 -20.64 -13.19
N PRO B 123 7.33 -19.94 -13.17
CA PRO B 123 7.68 -19.22 -11.94
C PRO B 123 6.75 -18.01 -11.68
N TYR B 124 5.67 -17.89 -12.45
CA TYR B 124 4.62 -16.90 -12.23
C TYR B 124 3.36 -17.50 -11.58
N ALA B 125 3.32 -18.84 -11.47
CA ALA B 125 2.11 -19.58 -11.09
C ALA B 125 1.32 -18.94 -9.95
N ASN B 126 0.05 -18.64 -10.21
CA ASN B 126 -0.93 -18.09 -9.25
C ASN B 126 -0.73 -16.64 -8.77
N GLY B 127 0.29 -15.98 -9.31
CA GLY B 127 0.51 -14.58 -9.00
C GLY B 127 -0.49 -13.72 -9.76
N CYS B 128 -0.67 -12.47 -9.34
CA CYS B 128 -1.61 -11.58 -9.99
C CYS B 128 -0.79 -10.43 -10.48
N PHE B 129 -0.87 -10.17 -11.78
CA PHE B 129 -0.03 -9.20 -12.45
C PHE B 129 -0.90 -8.14 -13.08
N GLU B 130 -0.65 -6.90 -12.71
CA GLU B 130 -1.51 -5.77 -13.08
C GLU B 130 -0.86 -4.99 -14.21
N PHE B 131 -1.67 -4.62 -15.20
CA PHE B 131 -1.22 -3.87 -16.36
C PHE B 131 -2.13 -2.68 -16.60
N ASP B 132 -1.55 -1.55 -16.99
CA ASP B 132 -2.31 -0.38 -17.41
C ASP B 132 -2.35 -0.29 -18.94
N VAL B 133 -3.50 0.16 -19.47
CA VAL B 133 -3.70 0.24 -20.91
C VAL B 133 -4.20 1.64 -21.32
N TYR B 134 -3.68 2.13 -22.44
CA TYR B 134 -4.15 3.38 -23.03
C TYR B 134 -4.30 3.17 -24.50
N PHE B 135 -5.48 3.48 -25.03
CA PHE B 135 -5.68 3.42 -26.48
C PHE B 135 -5.45 4.81 -27.06
N PRO B 136 -4.44 4.93 -27.93
CA PRO B 136 -4.01 6.21 -28.51
C PRO B 136 -5.11 6.94 -29.32
N GLN B 137 -4.98 8.25 -29.48
CA GLN B 137 -5.94 9.05 -30.27
C GLN B 137 -6.12 8.54 -31.72
N ASP B 138 -5.10 7.90 -32.28
CA ASP B 138 -5.21 7.39 -33.63
C ASP B 138 -5.57 5.91 -33.69
N TYR B 139 -6.00 5.32 -32.56
CA TYR B 139 -6.34 3.88 -32.55
C TYR B 139 -7.48 3.60 -33.52
N PRO B 140 -7.42 2.49 -34.29
CA PRO B 140 -6.45 1.41 -34.30
C PRO B 140 -5.29 1.55 -35.29
N SER B 141 -5.02 2.76 -35.77
CA SER B 141 -3.86 2.98 -36.67
C SER B 141 -2.54 2.65 -35.97
N SER B 142 -2.45 3.03 -34.69
CA SER B 142 -1.34 2.64 -33.81
C SER B 142 -1.83 1.67 -32.73
N PRO B 143 -0.94 0.76 -32.25
CA PRO B 143 -1.37 -0.25 -31.26
C PRO B 143 -1.64 0.34 -29.86
N PRO B 144 -2.31 -0.43 -28.97
CA PRO B 144 -2.52 -0.02 -27.58
C PRO B 144 -1.19 0.12 -26.89
N LEU B 145 -1.15 0.96 -25.87
CA LEU B 145 0.02 1.10 -25.01
C LEU B 145 -0.21 0.26 -23.77
N VAL B 146 0.78 -0.51 -23.36
CA VAL B 146 0.59 -1.45 -22.27
C VAL B 146 1.80 -1.46 -21.36
N ASN B 147 1.54 -1.26 -20.07
CA ASN B 147 2.60 -1.20 -19.09
C ASN B 147 2.31 -2.09 -17.88
N LEU B 148 3.31 -2.87 -17.47
CA LEU B 148 3.21 -3.74 -16.30
C LEU B 148 3.43 -2.92 -15.04
N GLU B 149 2.47 -3.01 -14.11
N GLU B 149 2.45 -2.92 -14.12
CA GLU B 149 2.43 -2.17 -12.92
CA GLU B 149 2.56 -2.12 -12.89
C GLU B 149 2.94 -2.90 -11.68
C GLU B 149 3.28 -2.92 -11.81
N THR B 150 3.04 -4.22 -11.81
CA THR B 150 3.57 -5.12 -10.79
C THR B 150 5.05 -5.39 -11.08
N THR B 151 5.90 -4.43 -10.72
CA THR B 151 7.35 -4.55 -10.93
C THR B 151 8.12 -4.38 -9.63
N GLY B 152 7.41 -4.40 -8.51
CA GLY B 152 8.01 -4.09 -7.20
C GLY B 152 8.65 -2.72 -7.15
N GLY B 153 7.94 -1.70 -7.61
CA GLY B 153 8.49 -0.33 -7.70
C GLY B 153 9.73 -0.29 -8.57
N HIS B 154 9.70 -1.00 -9.70
CA HIS B 154 10.81 -1.09 -10.66
C HIS B 154 12.01 -1.91 -10.21
N SER B 155 11.95 -2.50 -9.02
CA SER B 155 13.05 -3.36 -8.56
C SER B 155 13.09 -4.71 -9.27
N VAL B 156 12.01 -5.06 -9.94
CA VAL B 156 11.94 -6.39 -10.56
C VAL B 156 11.88 -6.36 -12.09
N ARG B 157 12.85 -7.00 -12.71
CA ARG B 157 12.73 -7.37 -14.11
C ARG B 157 12.05 -8.76 -14.17
N PHE B 158 10.74 -8.78 -14.42
CA PHE B 158 9.95 -10.03 -14.36
C PHE B 158 10.11 -11.03 -15.51
N ASN B 159 10.64 -10.57 -16.65
CA ASN B 159 10.78 -11.40 -17.84
C ASN B 159 11.76 -10.67 -18.78
N PRO B 160 12.43 -11.40 -19.70
CA PRO B 160 13.15 -10.63 -20.73
C PRO B 160 12.24 -9.65 -21.49
N ASN B 161 10.97 -10.02 -21.64
CA ASN B 161 9.98 -9.19 -22.33
C ASN B 161 9.21 -8.22 -21.41
N LEU B 162 9.60 -8.17 -20.14
CA LEU B 162 8.94 -7.30 -19.16
C LEU B 162 9.97 -6.50 -18.40
N TYR B 163 10.15 -5.24 -18.80
CA TYR B 163 11.22 -4.40 -18.30
C TYR B 163 10.94 -3.95 -16.86
N ASN B 164 11.99 -3.57 -16.15
CA ASN B 164 11.88 -2.97 -14.81
C ASN B 164 10.93 -1.78 -14.79
N ASP B 165 10.89 -1.02 -15.89
CA ASP B 165 10.07 0.21 -15.93
C ASP B 165 8.60 -0.03 -16.27
N GLY B 166 8.28 -1.29 -16.57
CA GLY B 166 6.93 -1.67 -16.93
C GLY B 166 6.75 -2.04 -18.39
N LYS B 167 7.77 -1.83 -19.23
CA LYS B 167 7.58 -2.00 -20.66
C LYS B 167 7.30 -3.47 -21.04
N VAL B 168 6.24 -3.65 -21.81
CA VAL B 168 5.85 -4.95 -22.29
C VAL B 168 6.32 -5.07 -23.73
N CYS B 169 7.13 -6.09 -23.98
CA CYS B 169 7.79 -6.29 -25.25
C CYS B 169 7.11 -7.41 -25.99
N LEU B 170 6.24 -7.04 -26.95
CA LEU B 170 5.57 -7.99 -27.83
C LEU B 170 5.54 -7.44 -29.25
N SER B 171 5.67 -8.33 -30.22
CA SER B 171 5.64 -7.91 -31.62
C SER B 171 4.28 -7.32 -31.95
N ILE B 172 3.21 -7.94 -31.43
CA ILE B 172 1.84 -7.44 -31.64
C ILE B 172 1.64 -5.99 -31.14
N LEU B 173 2.49 -5.56 -30.22
CA LEU B 173 2.43 -4.20 -29.68
C LEU B 173 3.46 -3.27 -30.34
N ASN B 174 4.18 -3.80 -31.34
CA ASN B 174 5.30 -3.09 -31.99
C ASN B 174 6.40 -2.71 -30.98
N THR B 175 6.61 -3.58 -29.99
CA THR B 175 7.61 -3.33 -28.94
C THR B 175 8.64 -4.45 -28.88
N TRP B 176 8.69 -5.25 -29.95
CA TRP B 176 9.61 -6.37 -30.08
C TRP B 176 9.77 -6.61 -31.59
N HIS B 177 10.86 -7.24 -31.96
CA HIS B 177 11.08 -7.71 -33.33
C HIS B 177 10.06 -8.80 -33.72
N GLY B 178 9.88 -8.99 -35.02
CA GLY B 178 8.99 -10.03 -35.53
C GLY B 178 8.70 -9.83 -37.01
N ARG B 179 8.25 -10.90 -37.65
CA ARG B 179 7.81 -10.84 -39.06
C ARG B 179 6.63 -9.85 -39.16
N PRO B 180 6.50 -9.13 -40.29
CA PRO B 180 5.50 -8.05 -40.42
C PRO B 180 4.03 -8.42 -40.14
N GLU B 181 3.71 -9.72 -40.22
CA GLU B 181 2.35 -10.19 -39.92
C GLU B 181 2.17 -10.50 -38.42
N GLU B 182 3.27 -10.51 -37.68
CA GLU B 182 3.25 -10.63 -36.23
C GLU B 182 3.15 -9.25 -35.57
N LYS B 183 3.22 -8.21 -36.39
CA LYS B 183 3.15 -6.84 -35.89
C LYS B 183 1.69 -6.39 -35.76
N TRP B 184 1.48 -5.18 -35.23
CA TRP B 184 0.14 -4.64 -35.07
C TRP B 184 -0.54 -4.41 -36.42
N ASN B 185 -1.70 -5.02 -36.62
CA ASN B 185 -2.49 -4.83 -37.83
C ASN B 185 -3.76 -4.06 -37.53
N PRO B 186 -3.84 -2.80 -37.99
CA PRO B 186 -4.99 -1.94 -37.64
C PRO B 186 -6.32 -2.58 -38.03
N GLN B 187 -6.30 -3.34 -39.12
CA GLN B 187 -7.47 -4.06 -39.62
C GLN B 187 -7.86 -5.28 -38.77
N THR B 188 -6.92 -6.22 -38.58
CA THR B 188 -7.25 -7.52 -38.01
C THR B 188 -6.90 -7.73 -36.53
N SER B 189 -5.99 -6.92 -35.98
CA SER B 189 -5.57 -7.09 -34.58
C SER B 189 -6.61 -6.57 -33.58
N SER B 190 -6.62 -7.15 -32.38
CA SER B 190 -7.47 -6.67 -31.30
C SER B 190 -6.69 -6.67 -29.99
N PHE B 191 -7.17 -5.91 -29.01
CA PHE B 191 -6.61 -5.97 -27.66
C PHE B 191 -6.73 -7.36 -27.00
N LEU B 192 -7.80 -8.08 -27.28
CA LEU B 192 -7.91 -9.45 -26.77
C LEU B 192 -6.68 -10.27 -27.16
N GLN B 193 -6.23 -10.14 -28.41
CA GLN B 193 -5.06 -10.90 -28.89
C GLN B 193 -3.81 -10.54 -28.12
N VAL B 194 -3.66 -9.26 -27.79
CA VAL B 194 -2.56 -8.78 -26.97
C VAL B 194 -2.52 -9.51 -25.63
N LEU B 195 -3.67 -9.56 -24.96
CA LEU B 195 -3.80 -10.27 -23.68
C LEU B 195 -3.41 -11.75 -23.78
N VAL B 196 -3.86 -12.41 -24.84
CA VAL B 196 -3.48 -13.82 -25.07
C VAL B 196 -1.97 -13.96 -25.33
N SER B 197 -1.37 -12.97 -25.98
CA SER B 197 0.08 -13.03 -26.26
C SER B 197 0.91 -12.94 -25.01
N VAL B 198 0.46 -12.12 -24.06
CA VAL B 198 1.11 -12.02 -22.77
C VAL B 198 1.10 -13.39 -22.08
N GLN B 199 -0.03 -14.06 -22.08
CA GLN B 199 -0.11 -15.38 -21.48
C GLN B 199 0.80 -16.38 -22.17
N SER B 200 0.75 -16.38 -23.50
CA SER B 200 1.40 -17.41 -24.33
C SER B 200 2.87 -17.20 -24.52
N LEU B 201 3.29 -15.94 -24.64
CA LEU B 201 4.65 -15.68 -25.04
C LEU B 201 5.51 -15.13 -23.90
N ILE B 202 4.87 -14.51 -22.92
CA ILE B 202 5.63 -13.90 -21.82
C ILE B 202 5.60 -14.73 -20.53
N LEU B 203 4.40 -15.04 -20.05
CA LEU B 203 4.24 -15.72 -18.78
C LEU B 203 4.45 -17.21 -18.99
N VAL B 204 5.68 -17.54 -19.38
CA VAL B 204 6.03 -18.91 -19.70
C VAL B 204 6.96 -19.52 -18.66
N ALA B 205 7.08 -20.84 -18.74
CA ALA B 205 8.07 -21.59 -18.00
C ALA B 205 9.44 -21.30 -18.57
N GLU B 206 10.44 -21.28 -17.72
CA GLU B 206 11.81 -21.00 -18.17
C GLU B 206 11.91 -19.70 -18.99
N PRO B 207 11.39 -18.58 -18.44
CA PRO B 207 11.44 -17.29 -19.15
C PRO B 207 12.86 -16.82 -19.48
N TYR B 208 13.86 -17.39 -18.79
CA TYR B 208 15.28 -17.09 -19.06
C TYR B 208 15.60 -17.16 -20.55
N PHE B 209 15.04 -18.17 -21.22
CA PHE B 209 15.30 -18.41 -22.64
C PHE B 209 14.55 -17.48 -23.59
N ASN B 210 13.70 -16.60 -23.06
CA ASN B 210 13.02 -15.57 -23.84
C ASN B 210 14.00 -14.51 -24.33
N GLU B 211 15.18 -14.45 -23.73
CA GLU B 211 16.20 -13.52 -24.18
C GLU B 211 16.77 -13.93 -25.54
N PRO B 212 16.72 -13.02 -26.54
CA PRO B 212 17.31 -13.30 -27.84
C PRO B 212 18.73 -13.86 -27.72
N GLY B 213 18.96 -15.02 -28.32
CA GLY B 213 20.29 -15.61 -28.32
C GLY B 213 20.42 -16.76 -27.34
N TYR B 214 19.89 -16.56 -26.12
CA TYR B 214 20.07 -17.52 -25.04
C TYR B 214 19.47 -18.89 -25.33
N GLU B 215 18.54 -18.95 -26.29
CA GLU B 215 17.86 -20.19 -26.67
C GLU B 215 18.84 -21.31 -27.03
N ARG B 216 20.05 -20.91 -27.45
CA ARG B 216 21.12 -21.83 -27.84
C ARG B 216 21.64 -22.64 -26.65
N SER B 217 21.56 -22.06 -25.45
CA SER B 217 22.06 -22.69 -24.23
C SER B 217 21.14 -23.77 -23.69
N ARG B 218 19.88 -23.75 -24.14
CA ARG B 218 18.87 -24.70 -23.69
C ARG B 218 19.33 -26.13 -23.87
N GLY B 219 19.27 -26.92 -22.81
CA GLY B 219 19.66 -28.32 -22.87
C GLY B 219 21.06 -28.56 -22.37
N THR B 220 21.84 -27.49 -22.29
CA THR B 220 23.21 -27.57 -21.78
C THR B 220 23.26 -27.25 -20.29
N PRO B 221 24.23 -27.81 -19.57
CA PRO B 221 24.38 -27.55 -18.13
C PRO B 221 24.57 -26.06 -17.78
N SER B 222 25.26 -25.30 -18.64
CA SER B 222 25.39 -23.86 -18.44
C SER B 222 24.02 -23.18 -18.52
N GLY B 223 23.26 -23.54 -19.56
CA GLY B 223 21.88 -23.12 -19.75
C GLY B 223 20.94 -23.48 -18.62
N THR B 224 20.87 -24.76 -18.27
CA THR B 224 20.07 -25.23 -17.12
C THR B 224 20.33 -24.44 -15.83
N GLN B 225 21.61 -24.33 -15.46
CA GLN B 225 22.04 -23.60 -14.27
C GLN B 225 21.63 -22.11 -14.27
N SER B 226 21.78 -21.45 -15.41
CA SER B 226 21.44 -20.04 -15.49
C SER B 226 19.92 -19.84 -15.46
N SER B 227 19.19 -20.80 -16.04
CA SER B 227 17.73 -20.76 -16.08
C SER B 227 17.14 -21.06 -14.70
N ARG B 228 17.80 -21.97 -13.98
CA ARG B 228 17.39 -22.34 -12.62
C ARG B 228 17.54 -21.13 -11.71
N GLU B 229 18.68 -20.43 -11.80
CA GLU B 229 18.90 -19.17 -11.07
C GLU B 229 17.87 -18.11 -11.44
N TYR B 230 17.58 -17.98 -12.73
CA TYR B 230 16.60 -17.01 -13.21
C TYR B 230 15.25 -17.24 -12.54
N ASP B 231 14.82 -18.50 -12.50
CA ASP B 231 13.53 -18.90 -11.91
C ASP B 231 13.49 -18.66 -10.42
N GLY B 232 14.58 -18.95 -9.72
CA GLY B 232 14.67 -18.66 -8.30
C GLY B 232 14.35 -17.20 -8.01
N ASN B 233 14.88 -16.29 -8.82
CA ASN B 233 14.61 -14.87 -8.62
C ASN B 233 13.14 -14.57 -8.90
N ILE B 234 12.63 -15.15 -10.00
CA ILE B 234 11.25 -14.90 -10.43
C ILE B 234 10.26 -15.45 -9.41
N ARG B 235 10.50 -16.67 -8.94
CA ARG B 235 9.65 -17.30 -7.92
C ARG B 235 9.54 -16.44 -6.67
N GLN B 236 10.68 -15.99 -6.14
CA GLN B 236 10.65 -15.18 -4.92
C GLN B 236 9.88 -13.87 -5.20
N ALA B 237 10.08 -13.30 -6.39
CA ALA B 237 9.52 -11.98 -6.75
C ALA B 237 8.01 -12.08 -6.97
N THR B 238 7.58 -13.24 -7.49
CA THR B 238 6.17 -13.53 -7.69
C THR B 238 5.41 -13.57 -6.36
N VAL B 239 5.95 -14.32 -5.40
CA VAL B 239 5.33 -14.45 -4.09
C VAL B 239 5.28 -13.10 -3.37
N LYS B 240 6.35 -12.35 -3.47
CA LYS B 240 6.44 -11.05 -2.87
C LYS B 240 5.45 -10.08 -3.51
N TRP B 241 5.63 -9.79 -4.79
CA TRP B 241 4.90 -8.71 -5.46
C TRP B 241 3.59 -9.13 -6.09
N ALA B 242 3.53 -10.36 -6.62
CA ALA B 242 2.29 -10.77 -7.27
C ALA B 242 1.35 -11.55 -6.34
N LEU B 244 1.84 -11.56 -2.04
CA LEU B 244 1.85 -10.92 -0.73
C LEU B 244 1.44 -9.42 -0.81
N GLU B 245 2.06 -8.65 -1.69
CA GLU B 245 1.72 -7.21 -1.75
C GLU B 245 0.41 -6.92 -2.50
N GLN B 246 -0.07 -7.90 -3.25
CA GLN B 246 -1.35 -7.77 -3.93
C GLN B 246 -2.44 -7.83 -2.89
N ILE B 247 -2.35 -8.86 -2.02
CA ILE B 247 -3.31 -9.05 -0.94
C ILE B 247 -3.26 -7.92 0.07
N ARG B 248 -2.08 -7.41 0.34
CA ARG B 248 -1.89 -6.44 1.41
C ARG B 248 -2.27 -5.07 0.92
N ASN B 249 -2.08 -4.87 -0.38
CA ASN B 249 -2.17 -3.59 -1.00
C ASN B 249 -2.73 -3.67 -2.42
N PRO B 250 -3.95 -4.20 -2.58
CA PRO B 250 -4.47 -4.33 -3.94
C PRO B 250 -4.97 -3.00 -4.50
N SER B 251 -4.90 -2.84 -5.82
CA SER B 251 -5.61 -1.75 -6.52
C SER B 251 -7.10 -1.79 -6.18
N PRO B 252 -7.73 -0.61 -5.96
CA PRO B 252 -9.16 -0.61 -5.72
C PRO B 252 -9.99 -1.36 -6.79
N CYS B 253 -9.50 -1.42 -8.03
CA CYS B 253 -10.21 -2.05 -9.15
C CYS B 253 -10.24 -3.56 -9.03
N PHE B 254 -9.22 -4.13 -8.40
CA PHE B 254 -9.04 -5.59 -8.42
C PHE B 254 -9.11 -6.24 -7.04
N LYS B 255 -9.45 -5.44 -6.03
CA LYS B 255 -9.50 -5.91 -4.65
C LYS B 255 -10.30 -7.21 -4.48
N GLU B 256 -11.50 -7.24 -5.04
CA GLU B 256 -12.39 -8.41 -4.94
C GLU B 256 -11.85 -9.63 -5.69
N VAL B 257 -11.26 -9.39 -6.86
CA VAL B 257 -10.62 -10.44 -7.65
C VAL B 257 -9.49 -11.11 -6.86
N ILE B 258 -8.67 -10.26 -6.25
N ILE B 258 -8.59 -10.26 -6.37
CA ILE B 258 -7.57 -10.66 -5.36
CA ILE B 258 -7.35 -10.67 -5.73
C ILE B 258 -8.09 -11.38 -4.11
C ILE B 258 -7.68 -11.45 -4.46
N HIS B 259 -9.09 -10.78 -3.47
N HIS B 259 -8.58 -10.90 -3.65
CA HIS B 259 -9.63 -11.32 -2.23
CA HIS B 259 -8.97 -11.59 -2.42
C HIS B 259 -10.09 -12.76 -2.44
C HIS B 259 -9.65 -12.96 -2.70
N LYS B 260 -10.61 -13.02 -3.64
CA LYS B 260 -11.30 -14.29 -3.96
C LYS B 260 -10.37 -15.34 -4.58
N HIS B 261 -9.53 -14.90 -5.51
CA HIS B 261 -8.49 -15.73 -6.10
C HIS B 261 -7.62 -16.35 -5.02
N PHE B 262 -7.11 -15.50 -4.12
CA PHE B 262 -6.19 -15.99 -3.11
C PHE B 262 -6.85 -16.82 -2.01
N TYR B 263 -8.09 -16.49 -1.65
CA TYR B 263 -8.87 -17.33 -0.74
C TYR B 263 -9.13 -18.72 -1.34
N LEU B 264 -9.64 -18.74 -2.56
CA LEU B 264 -9.98 -19.99 -3.21
C LEU B 264 -8.79 -20.92 -3.36
N LYS B 265 -7.63 -20.32 -3.61
CA LYS B 265 -6.43 -21.07 -3.85
C LYS B 265 -5.45 -21.10 -2.66
N ARG B 266 -5.87 -20.59 -1.50
CA ARG B 266 -4.99 -20.44 -0.34
C ARG B 266 -4.15 -21.68 -0.03
N VAL B 267 -4.81 -22.84 0.03
CA VAL B 267 -4.13 -24.09 0.34
C VAL B 267 -3.08 -24.42 -0.71
N GLU B 268 -3.51 -24.44 -1.98
CA GLU B 268 -2.65 -24.76 -3.11
C GLU B 268 -1.40 -23.87 -3.11
N ILE B 269 -1.61 -22.58 -2.81
CA ILE B 269 -0.54 -21.59 -2.85
C ILE B 269 0.53 -21.86 -1.79
N ALA B 271 1.13 -24.87 -0.49
CA ALA B 271 1.82 -26.07 -0.96
C ALA B 271 2.88 -25.67 -2.01
N GLN B 272 2.49 -24.81 -2.93
CA GLN B 272 3.40 -24.31 -3.95
C GLN B 272 4.60 -23.60 -3.33
N CYS B 273 4.36 -22.68 -2.40
CA CYS B 273 5.47 -21.95 -1.76
C CYS B 273 6.47 -22.89 -1.10
N GLU B 274 5.97 -23.91 -0.39
CA GLU B 274 6.83 -24.92 0.23
C GLU B 274 7.65 -25.72 -0.78
N GLU B 275 7.02 -26.11 -1.90
CA GLU B 275 7.73 -26.78 -2.99
C GLU B 275 8.83 -25.90 -3.55
N TRP B 276 8.51 -24.63 -3.77
CA TRP B 276 9.48 -23.70 -4.32
C TRP B 276 10.67 -23.50 -3.40
N ILE B 277 10.42 -23.42 -2.08
CA ILE B 277 11.49 -23.30 -1.10
C ILE B 277 12.35 -24.55 -1.16
N ALA B 278 11.72 -25.72 -1.05
CA ALA B 278 12.41 -27.02 -1.11
C ALA B 278 13.31 -27.10 -2.33
N ASP B 279 12.74 -26.79 -3.48
CA ASP B 279 13.40 -26.90 -4.77
C ASP B 279 14.53 -25.88 -5.00
N ILE B 280 14.39 -24.65 -4.50
CA ILE B 280 15.49 -23.66 -4.56
C ILE B 280 16.63 -24.05 -3.61
N GLN B 281 16.27 -24.60 -2.44
CA GLN B 281 17.25 -24.94 -1.42
C GLN B 281 18.18 -26.12 -1.74
N GLN B 282 17.74 -27.02 -2.61
CA GLN B 282 18.60 -28.09 -3.14
C GLN B 282 20.00 -27.61 -3.54
N TYR B 283 20.08 -26.38 -4.05
CA TYR B 283 21.28 -25.83 -4.66
C TYR B 283 21.91 -24.68 -3.87
N ASP B 286 26.81 -25.75 -3.17
CA ASP B 286 26.15 -26.31 -4.34
C ASP B 286 25.94 -25.25 -5.42
N ARG B 288 29.43 -23.37 -7.06
CA ARG B 288 28.98 -23.13 -8.43
C ARG B 288 28.02 -21.93 -8.55
N VAL B 289 26.90 -21.98 -7.81
CA VAL B 289 25.86 -20.93 -7.82
C VAL B 289 25.03 -20.91 -6.50
N GLY B 290 25.49 -21.67 -5.51
CA GLY B 290 24.78 -21.87 -4.24
C GLY B 290 24.51 -20.65 -3.37
N ARG B 291 25.38 -19.64 -3.46
CA ARG B 291 25.22 -18.40 -2.67
C ARG B 291 23.97 -17.61 -3.07
N THR B 292 23.75 -17.48 -4.37
CA THR B 292 22.59 -16.78 -4.91
C THR B 292 21.31 -17.61 -4.72
N SER B 294 20.75 -19.60 -2.26
CA SER B 294 20.47 -19.36 -0.85
C SER B 294 19.80 -18.02 -0.61
N HIS B 295 20.24 -17.00 -1.33
CA HIS B 295 19.67 -15.66 -1.25
C HIS B 295 18.20 -15.68 -1.69
N HIS B 296 17.90 -16.41 -2.77
CA HIS B 296 16.54 -16.55 -3.29
C HIS B 296 15.68 -17.32 -2.30
N ALA B 297 16.18 -18.45 -1.81
CA ALA B 297 15.47 -19.26 -0.83
C ALA B 297 15.20 -18.45 0.45
N ALA B 298 16.17 -17.65 0.87
CA ALA B 298 15.98 -16.82 2.07
C ALA B 298 14.88 -15.77 1.85
N ALA B 299 14.83 -15.22 0.65
CA ALA B 299 13.83 -14.22 0.30
C ALA B 299 12.46 -14.89 0.22
N LEU B 300 12.36 -16.01 -0.50
CA LEU B 300 11.12 -16.78 -0.54
C LEU B 300 10.56 -17.17 0.84
N LYS B 301 11.44 -17.52 1.78
CA LYS B 301 11.00 -17.88 3.14
C LYS B 301 10.47 -16.65 3.87
N ARG B 302 11.15 -15.52 3.70
CA ARG B 302 10.68 -14.25 4.25
C ARG B 302 9.25 -13.95 3.81
N HIS B 303 9.02 -13.90 2.50
CA HIS B 303 7.69 -13.55 1.93
C HIS B 303 6.61 -14.53 2.33
N THR B 304 6.94 -15.81 2.23
CA THR B 304 6.03 -16.90 2.57
C THR B 304 5.57 -16.94 4.02
N ALA B 305 6.44 -16.50 4.93
CA ALA B 305 6.10 -16.37 6.35
C ALA B 305 5.02 -15.28 6.57
N GLN B 306 5.14 -14.16 5.86
CA GLN B 306 4.05 -13.15 5.92
C GLN B 306 2.81 -13.56 5.12
N LEU B 307 3.00 -14.16 3.94
CA LEU B 307 1.88 -14.64 3.12
C LEU B 307 0.94 -15.59 3.87
N ARG B 308 1.52 -16.50 4.66
CA ARG B 308 0.72 -17.53 5.38
C ARG B 308 -0.24 -16.87 6.37
N GLU B 309 0.16 -15.73 6.92
N GLU B 309 0.20 -15.77 6.98
CA GLU B 309 -0.71 -14.97 7.82
CA GLU B 309 -0.66 -14.94 7.82
C GLU B 309 -1.76 -14.16 7.07
C GLU B 309 -1.78 -14.33 6.99
N GLU B 310 -1.41 -13.69 5.87
CA GLU B 310 -2.36 -12.98 5.02
C GLU B 310 -3.44 -13.93 4.49
N LEU B 311 -3.04 -15.15 4.17
CA LEU B 311 -4.00 -16.12 3.65
C LEU B 311 -5.00 -16.53 4.73
N LEU B 312 -4.53 -16.83 5.94
CA LEU B 312 -5.45 -17.12 7.07
C LEU B 312 -6.38 -15.95 7.45
N LYS B 313 -5.84 -14.74 7.48
CA LYS B 313 -6.60 -13.53 7.81
C LYS B 313 -7.77 -13.33 6.84
N LEU B 314 -7.62 -13.82 5.62
CA LEU B 314 -8.58 -13.58 4.53
C LEU B 314 -10.02 -13.93 4.91
N PRO B 315 -10.91 -12.92 4.83
CA PRO B 315 -12.32 -13.13 5.11
C PRO B 315 -12.95 -14.06 4.10
N CYS B 316 -13.99 -14.74 4.52
CA CYS B 316 -14.72 -15.60 3.64
C CYS B 316 -15.55 -14.76 2.68
N PRO B 317 -15.35 -14.95 1.35
CA PRO B 317 -16.06 -14.19 0.33
C PRO B 317 -17.57 -14.47 0.29
N GLU B 318 -18.35 -13.43 0.00
CA GLU B 318 -19.83 -13.49 0.03
C GLU B 318 -20.47 -14.40 -1.03
N GLY B 319 -20.12 -14.19 -2.30
CA GLY B 319 -20.75 -14.93 -3.39
C GLY B 319 -20.09 -16.26 -3.76
N LEU B 320 -19.68 -17.01 -2.75
CA LEU B 320 -19.04 -18.32 -2.94
C LEU B 320 -20.06 -19.45 -2.95
N ASP B 321 -19.87 -20.42 -3.84
CA ASP B 321 -20.73 -21.60 -3.93
C ASP B 321 -19.97 -22.90 -3.74
#